data_5P9J
#
_entry.id   5P9J
#
_cell.length_a   72.250
_cell.length_b   104.610
_cell.length_c   38.100
_cell.angle_alpha   90.000
_cell.angle_beta   90.000
_cell.angle_gamma   90.000
#
_symmetry.space_group_name_H-M   'P 21 21 2'
#
loop_
_entity.id
_entity.type
_entity.pdbx_description
1 polymer 'Tyrosine-protein kinase BTK'
2 non-polymer 1-[(3~{R})-3-[4-azanyl-3-(4-phenoxyphenyl)pyrazolo[3,4-d]pyrimidin-1-yl]piperidin-1-yl]propan-1-one
3 water water
#
_entity_poly.entity_id   1
_entity_poly.type   'polypeptide(L)'
_entity_poly.pdbx_seq_one_letter_code
;GKNAPSTAGLGYGSWEIDPKDLTFLKELGTGQFGVVKYGKWRGQYDVAIKMIKEGSMSEDEFIEEAKVMMNLSHEKLVQL
YGVCTKQRPIFIITEYMANGCLLNYLREMRHRFQTQQLLEMCKDVCEAMEYLESKQFLHRDLAARNCLVNDQGVVKVSDF
GLSRYVLDDEYTSSVGSKFPVRWSPPEVLMYSKFSSKSDIWAFGVLMWEIYSLGKMPYERFTNSETAEHIAQGLRLYRPH
LASEKVYTIMYSCWHEKADERPTFKILLSNILDVMDEES
;
_entity_poly.pdbx_strand_id   A
#
loop_
_chem_comp.id
_chem_comp.type
_chem_comp.name
_chem_comp.formula
8E8 non-polymer 1-[(3~{R})-3-[4-azanyl-3-(4-phenoxyphenyl)pyrazolo[3,4-d]pyrimidin-1-yl]piperidin-1-yl]propan-1-one 'C25 H26 N6 O2'
#
# COMPACT_ATOMS: atom_id res chain seq x y z
N SER A 14 -4.60 24.92 8.96
CA SER A 14 -5.67 24.03 8.35
C SER A 14 -5.24 22.54 8.34
N TRP A 15 -3.93 22.29 8.35
CA TRP A 15 -3.39 20.89 8.38
C TRP A 15 -3.23 20.39 9.81
N GLU A 16 -3.59 21.26 10.76
CA GLU A 16 -3.25 21.03 12.15
C GLU A 16 -4.51 20.70 12.95
N ILE A 17 -4.51 19.55 13.60
CA ILE A 17 -5.56 19.14 14.50
C ILE A 17 -5.07 19.49 15.90
N ASP A 18 -6.03 19.91 16.72
CA ASP A 18 -5.76 20.12 18.15
C ASP A 18 -5.90 18.76 18.82
N PRO A 19 -4.79 18.24 19.39
CA PRO A 19 -4.84 16.94 20.04
C PRO A 19 -5.79 16.90 21.24
N LYS A 20 -6.14 18.07 21.81
N LYS A 20 -6.14 18.05 21.83
CA LYS A 20 -7.19 18.14 22.83
CA LYS A 20 -7.14 17.99 22.87
C LYS A 20 -8.60 17.74 22.38
C LYS A 20 -8.53 17.58 22.39
N ASP A 21 -8.77 17.62 21.06
CA ASP A 21 -10.03 17.18 20.52
C ASP A 21 -10.11 15.63 20.33
N LEU A 22 -9.08 14.95 20.77
CA LEU A 22 -9.00 13.50 20.60
C LEU A 22 -9.28 12.77 21.89
N THR A 23 -10.01 11.68 21.83
CA THR A 23 -10.23 10.73 22.91
C THR A 23 -9.67 9.35 22.44
N PHE A 24 -8.76 8.80 23.19
CA PHE A 24 -8.08 7.49 22.86
C PHE A 24 -8.85 6.33 23.36
N LEU A 25 -9.27 5.39 22.50
CA LEU A 25 -10.18 4.30 22.92
C LEU A 25 -9.52 2.89 22.90
N LYS A 26 -8.69 2.59 21.90
CA LYS A 26 -8.13 1.19 21.78
C LYS A 26 -6.76 1.27 21.11
N GLU A 27 -5.82 0.42 21.52
CA GLU A 27 -4.51 0.24 20.81
C GLU A 27 -4.73 -0.68 19.57
N LEU A 28 -4.18 -0.25 18.44
CA LEU A 28 -4.35 -0.99 17.21
C LEU A 28 -3.11 -1.75 16.87
N GLY A 29 -1.99 -1.44 17.45
CA GLY A 29 -0.74 -2.11 17.03
C GLY A 29 0.34 -1.12 16.77
N THR A 30 1.53 -1.63 16.49
CA THR A 30 2.77 -0.81 16.41
C THR A 30 3.58 -1.17 15.17
N GLY A 31 3.88 -0.14 14.37
CA GLY A 31 4.78 -0.22 13.17
C GLY A 31 6.14 0.49 13.35
N GLN A 32 6.77 0.88 12.25
CA GLN A 32 8.15 1.42 12.32
C GLN A 32 8.23 2.86 12.86
N PHE A 33 7.14 3.64 12.68
CA PHE A 33 7.04 4.97 13.25
C PHE A 33 6.44 4.81 14.64
N GLY A 34 5.63 3.76 14.83
CA GLY A 34 5.23 3.36 16.20
C GLY A 34 3.76 3.02 16.32
N VAL A 35 3.23 3.37 17.50
CA VAL A 35 1.90 3.01 17.97
C VAL A 35 0.80 3.69 17.15
N VAL A 36 -0.26 2.93 16.84
CA VAL A 36 -1.45 3.50 16.22
C VAL A 36 -2.59 3.19 17.16
N LYS A 37 -3.42 4.20 17.40
CA LYS A 37 -4.60 4.05 18.26
C LYS A 37 -5.87 4.39 17.52
N TYR A 38 -6.95 3.74 17.96
CA TYR A 38 -8.32 4.07 17.57
C TYR A 38 -8.85 5.13 18.60
N GLY A 39 -9.52 6.12 18.12
CA GLY A 39 -10.20 7.02 19.07
C GLY A 39 -11.26 7.79 18.33
N LYS A 40 -11.76 8.82 19.05
CA LYS A 40 -12.74 9.75 18.51
C LYS A 40 -12.24 11.16 18.45
N TRP A 41 -12.70 11.93 17.49
CA TRP A 41 -12.44 13.36 17.36
C TRP A 41 -13.77 14.07 17.71
N ARG A 42 -13.60 15.02 18.64
CA ARG A 42 -14.71 15.81 19.22
C ARG A 42 -15.83 14.87 19.65
N GLY A 43 -15.49 13.78 20.35
CA GLY A 43 -16.45 12.92 21.07
C GLY A 43 -17.36 11.99 20.27
N GLN A 44 -17.24 12.13 18.98
CA GLN A 44 -18.20 11.59 18.07
C GLN A 44 -17.63 10.79 16.93
N TYR A 45 -16.66 11.35 16.18
CA TYR A 45 -16.13 10.74 14.93
C TYR A 45 -14.91 9.88 15.06
N ASP A 46 -15.00 8.71 14.39
CA ASP A 46 -13.92 7.77 14.44
C ASP A 46 -12.71 8.26 13.69
N VAL A 47 -11.60 8.08 14.35
CA VAL A 47 -10.26 8.32 13.74
C VAL A 47 -9.25 7.29 14.18
N ALA A 48 -8.23 7.11 13.31
CA ALA A 48 -6.99 6.51 13.72
C ALA A 48 -5.91 7.54 14.02
N ILE A 49 -5.06 7.24 15.01
CA ILE A 49 -4.06 8.23 15.43
C ILE A 49 -2.73 7.47 15.38
N LYS A 50 -1.88 7.83 14.43
CA LYS A 50 -0.56 7.21 14.27
C LYS A 50 0.44 8.16 14.99
N MET A 51 1.14 7.62 15.98
CA MET A 51 2.14 8.36 16.78
C MET A 51 3.53 8.08 16.30
N ILE A 52 4.18 9.17 15.88
CA ILE A 52 5.51 9.09 15.21
C ILE A 52 6.65 9.10 16.25
N LYS A 53 7.29 7.96 16.44
CA LYS A 53 8.34 7.81 17.45
C LYS A 53 9.46 8.78 17.20
N GLU A 54 10.08 9.28 18.28
CA GLU A 54 11.16 10.28 18.16
C GLU A 54 12.35 9.61 17.48
N GLY A 55 12.93 10.36 16.54
CA GLY A 55 14.08 9.92 15.71
C GLY A 55 13.76 9.11 14.49
N SER A 56 12.50 8.84 14.24
CA SER A 56 12.11 7.89 13.22
C SER A 56 11.90 8.57 11.88
N MET A 57 11.57 9.84 11.88
CA MET A 57 11.10 10.56 10.73
C MET A 57 11.82 11.86 10.53
N SER A 58 11.95 12.29 9.26
CA SER A 58 12.37 13.63 8.88
C SER A 58 11.15 14.54 8.96
N GLU A 59 10.95 15.13 10.16
CA GLU A 59 9.64 15.60 10.54
C GLU A 59 9.33 16.94 9.84
N ASP A 60 10.28 17.84 9.66
CA ASP A 60 9.94 19.07 8.98
C ASP A 60 9.56 18.85 7.52
N GLU A 61 10.29 17.96 6.86
CA GLU A 61 9.91 17.52 5.46
C GLU A 61 8.52 16.87 5.43
N PHE A 62 8.27 15.98 6.36
CA PHE A 62 6.97 15.35 6.41
C PHE A 62 5.85 16.37 6.65
N ILE A 63 6.07 17.37 7.52
CA ILE A 63 5.03 18.31 7.77
C ILE A 63 4.69 19.12 6.53
N GLU A 64 5.72 19.48 5.74
CA GLU A 64 5.47 20.22 4.53
C GLU A 64 4.70 19.37 3.52
N GLU A 65 5.07 18.11 3.44
CA GLU A 65 4.39 17.13 2.54
C GLU A 65 2.95 16.86 2.96
N ALA A 66 2.69 16.86 4.27
CA ALA A 66 1.34 16.63 4.76
C ALA A 66 0.35 17.60 4.16
N LYS A 67 0.77 18.84 3.92
CA LYS A 67 -0.12 19.83 3.32
C LYS A 67 -0.62 19.42 1.96
N VAL A 68 0.24 18.77 1.18
CA VAL A 68 -0.10 18.23 -0.12
C VAL A 68 -1.00 17.03 0.02
N MET A 69 -0.66 16.20 0.98
CA MET A 69 -1.39 14.92 1.21
C MET A 69 -2.81 15.21 1.63
N MET A 70 -3.02 16.27 2.38
CA MET A 70 -4.36 16.63 2.79
C MET A 70 -5.27 17.05 1.66
N ASN A 71 -4.76 17.49 0.54
CA ASN A 71 -5.56 17.81 -0.62
C ASN A 71 -5.84 16.62 -1.54
N LEU A 72 -5.22 15.46 -1.31
CA LEU A 72 -5.51 14.26 -2.06
C LEU A 72 -6.83 13.77 -1.51
N SER A 73 -7.76 13.36 -2.36
CA SER A 73 -9.05 12.89 -1.92
C SER A 73 -9.58 11.90 -2.92
N HIS A 74 -9.77 10.66 -2.46
CA HIS A 74 -10.34 9.61 -3.30
C HIS A 74 -10.95 8.58 -2.37
N GLU A 75 -12.08 8.00 -2.80
CA GLU A 75 -12.80 7.03 -1.99
C GLU A 75 -11.95 5.81 -1.64
N LYS A 76 -10.95 5.43 -2.47
CA LYS A 76 -10.11 4.28 -2.24
C LYS A 76 -8.71 4.62 -1.74
N LEU A 77 -8.56 5.85 -1.22
CA LEU A 77 -7.34 6.32 -0.64
C LEU A 77 -7.65 6.66 0.84
N VAL A 78 -6.95 6.10 1.78
CA VAL A 78 -7.16 6.46 3.23
C VAL A 78 -6.94 8.03 3.36
N GLN A 79 -7.96 8.67 3.92
CA GLN A 79 -7.94 10.15 4.10
C GLN A 79 -7.09 10.62 5.30
N LEU A 80 -6.16 11.53 5.07
CA LEU A 80 -5.34 12.19 6.10
C LEU A 80 -6.18 13.39 6.55
N TYR A 81 -6.65 13.38 7.81
CA TYR A 81 -7.50 14.48 8.40
C TYR A 81 -6.60 15.59 8.86
N GLY A 82 -5.38 15.33 9.27
CA GLY A 82 -4.52 16.33 9.76
C GLY A 82 -3.41 15.76 10.55
N VAL A 83 -2.57 16.62 11.09
CA VAL A 83 -1.47 16.24 11.91
C VAL A 83 -1.46 17.08 13.20
N CYS A 84 -0.81 16.58 14.19
CA CYS A 84 -0.57 17.31 15.42
C CYS A 84 0.91 17.37 15.60
N THR A 85 1.45 18.60 15.48
CA THR A 85 2.91 18.79 15.46
C THR A 85 3.48 19.75 16.55
N LYS A 86 2.67 20.14 17.53
CA LYS A 86 3.14 21.16 18.47
C LYS A 86 3.54 20.42 19.77
N GLN A 87 3.75 19.11 19.64
CA GLN A 87 4.28 18.28 20.70
C GLN A 87 5.05 17.17 20.02
N ARG A 88 5.73 16.36 20.78
CA ARG A 88 6.39 15.25 20.18
C ARG A 88 6.05 14.18 21.21
N PRO A 89 5.68 12.97 20.77
CA PRO A 89 5.70 12.57 19.37
C PRO A 89 4.60 13.20 18.59
N ILE A 90 4.85 13.51 17.31
CA ILE A 90 3.81 14.03 16.39
C ILE A 90 2.77 12.92 16.05
N PHE A 91 1.54 13.41 15.77
CA PHE A 91 0.40 12.49 15.47
C PHE A 91 -0.03 12.74 14.04
N ILE A 92 -0.35 11.62 13.33
CA ILE A 92 -1.07 11.66 12.03
C ILE A 92 -2.50 11.15 12.23
N ILE A 93 -3.49 11.95 11.85
CA ILE A 93 -4.86 11.61 12.13
C ILE A 93 -5.52 11.23 10.82
N THR A 94 -6.11 10.04 10.80
CA THR A 94 -6.66 9.47 9.52
C THR A 94 -7.95 8.88 9.74
N GLU A 95 -8.57 8.54 8.61
CA GLU A 95 -9.68 7.65 8.52
C GLU A 95 -9.37 6.34 9.27
N TYR A 96 -10.34 5.85 9.99
CA TYR A 96 -10.26 4.57 10.74
C TYR A 96 -10.75 3.40 9.85
N MET A 97 -9.90 2.39 9.77
CA MET A 97 -10.13 1.22 8.88
C MET A 97 -10.28 -0.01 9.73
N ALA A 98 -11.53 -0.31 10.08
CA ALA A 98 -11.83 -1.23 11.16
C ALA A 98 -11.33 -2.63 10.99
N ASN A 99 -11.16 -3.06 9.71
CA ASN A 99 -10.66 -4.41 9.45
C ASN A 99 -9.17 -4.48 9.30
N GLY A 100 -8.44 -3.38 9.50
CA GLY A 100 -6.98 -3.45 9.61
C GLY A 100 -6.25 -3.72 8.30
N CYS A 101 -5.02 -4.07 8.45
CA CYS A 101 -4.13 -4.22 7.29
C CYS A 101 -4.57 -5.37 6.35
N LEU A 102 -4.44 -5.11 5.04
CA LEU A 102 -4.87 -6.12 4.05
C LEU A 102 -4.11 -7.43 4.20
N LEU A 103 -2.84 -7.36 4.54
CA LEU A 103 -2.07 -8.63 4.56
C LEU A 103 -2.63 -9.59 5.57
N ASN A 104 -2.96 -9.10 6.79
CA ASN A 104 -3.49 -9.96 7.79
C ASN A 104 -4.92 -10.40 7.49
N TYR A 105 -5.70 -9.55 6.84
CA TYR A 105 -7.04 -9.87 6.40
C TYR A 105 -7.06 -11.03 5.40
N LEU A 106 -6.15 -10.96 4.44
CA LEU A 106 -6.03 -12.02 3.43
C LEU A 106 -5.64 -13.36 4.05
N ARG A 107 -4.83 -13.35 5.10
CA ARG A 107 -4.29 -14.60 5.74
C ARG A 107 -5.32 -15.21 6.64
N GLU A 108 -6.44 -14.55 6.97
CA GLU A 108 -7.51 -15.19 7.81
C GLU A 108 -8.31 -16.10 6.87
N MET A 109 -8.11 -17.40 7.02
CA MET A 109 -8.79 -18.35 6.16
C MET A 109 -10.30 -18.43 6.40
N ARG A 110 -10.75 -17.98 7.57
CA ARG A 110 -12.20 -17.98 7.82
C ARG A 110 -13.00 -17.24 6.77
N HIS A 111 -12.43 -16.17 6.13
CA HIS A 111 -13.18 -15.38 5.21
C HIS A 111 -13.70 -16.19 4.03
N ARG A 112 -12.95 -17.23 3.61
N ARG A 112 -12.94 -17.24 3.65
CA ARG A 112 -13.44 -18.06 2.50
CA ARG A 112 -13.35 -18.13 2.57
C ARG A 112 -13.76 -17.22 1.31
C ARG A 112 -13.69 -17.32 1.33
N PHE A 113 -12.74 -16.43 0.89
CA PHE A 113 -13.03 -15.51 -0.13
C PHE A 113 -13.40 -16.17 -1.46
N GLN A 114 -14.32 -15.53 -2.15
CA GLN A 114 -14.52 -15.84 -3.55
C GLN A 114 -13.54 -15.08 -4.43
N THR A 115 -13.25 -15.60 -5.64
CA THR A 115 -12.33 -14.86 -6.49
C THR A 115 -12.91 -13.53 -6.93
N GLN A 116 -14.23 -13.34 -6.97
CA GLN A 116 -14.80 -12.03 -7.30
C GLN A 116 -14.45 -11.01 -6.22
N GLN A 117 -14.33 -11.47 -4.96
CA GLN A 117 -13.98 -10.56 -3.91
C GLN A 117 -12.51 -10.16 -4.08
N LEU A 118 -11.62 -11.09 -4.39
CA LEU A 118 -10.20 -10.80 -4.59
C LEU A 118 -10.04 -9.82 -5.74
N LEU A 119 -10.77 -9.97 -6.81
CA LEU A 119 -10.68 -9.10 -7.95
C LEU A 119 -11.11 -7.68 -7.60
N GLU A 120 -12.15 -7.60 -6.78
CA GLU A 120 -12.62 -6.28 -6.26
C GLU A 120 -11.58 -5.58 -5.41
N MET A 121 -10.84 -6.33 -4.62
CA MET A 121 -9.75 -5.79 -3.83
C MET A 121 -8.72 -5.17 -4.79
N CYS A 122 -8.38 -5.89 -5.85
CA CYS A 122 -7.43 -5.34 -6.85
C CYS A 122 -7.95 -4.13 -7.50
N LYS A 123 -9.22 -4.06 -7.83
CA LYS A 123 -9.86 -2.94 -8.44
C LYS A 123 -9.86 -1.71 -7.52
N ASP A 124 -10.15 -1.91 -6.24
CA ASP A 124 -10.08 -0.83 -5.26
C ASP A 124 -8.66 -0.19 -5.33
N VAL A 125 -7.64 -1.00 -5.15
CA VAL A 125 -6.27 -0.48 -5.16
C VAL A 125 -5.96 0.18 -6.47
N CYS A 126 -6.35 -0.45 -7.57
CA CYS A 126 -6.05 0.15 -8.87
C CYS A 126 -6.68 1.52 -9.05
N GLU A 127 -7.90 1.70 -8.55
CA GLU A 127 -8.58 3.02 -8.61
C GLU A 127 -7.79 4.08 -7.84
N ALA A 128 -7.37 3.73 -6.64
CA ALA A 128 -6.57 4.62 -5.85
C ALA A 128 -5.28 5.00 -6.55
N MET A 129 -4.61 4.00 -7.14
CA MET A 129 -3.33 4.25 -7.79
C MET A 129 -3.57 5.06 -9.08
N GLU A 130 -4.59 4.82 -9.83
CA GLU A 130 -4.91 5.65 -11.01
C GLU A 130 -5.08 7.11 -10.58
N TYR A 131 -5.74 7.36 -9.45
CA TYR A 131 -5.89 8.68 -8.93
C TYR A 131 -4.51 9.25 -8.52
N LEU A 132 -3.70 8.53 -7.77
CA LEU A 132 -2.37 9.03 -7.46
C LEU A 132 -1.57 9.32 -8.76
N GLU A 133 -1.64 8.44 -9.78
N GLU A 133 -1.57 8.47 -9.74
CA GLU A 133 -1.03 8.56 -11.16
CA GLU A 133 -0.83 8.75 -10.95
C GLU A 133 -1.43 9.87 -11.82
C GLU A 133 -1.37 10.04 -11.60
N SER A 134 -2.68 10.23 -11.61
CA SER A 134 -3.28 11.51 -12.14
C SER A 134 -2.79 12.74 -11.50
N LYS A 135 -2.27 12.63 -10.31
CA LYS A 135 -1.70 13.71 -9.55
C LYS A 135 -0.17 13.65 -9.53
N GLN A 136 0.42 12.78 -10.32
CA GLN A 136 1.89 12.57 -10.43
C GLN A 136 2.48 12.26 -9.06
N PHE A 137 1.72 11.57 -8.20
CA PHE A 137 2.13 11.26 -6.85
C PHE A 137 2.53 9.78 -6.86
N LEU A 138 3.77 9.45 -6.53
CA LEU A 138 4.21 8.05 -6.40
C LEU A 138 3.94 7.48 -5.07
N HIS A 139 3.50 6.23 -4.99
CA HIS A 139 3.44 5.63 -3.70
C HIS A 139 4.73 5.37 -3.09
N ARG A 140 5.61 4.72 -3.88
CA ARG A 140 6.99 4.32 -3.50
C ARG A 140 7.16 3.10 -2.63
N ASP A 141 6.09 2.59 -2.01
CA ASP A 141 6.16 1.32 -1.24
C ASP A 141 4.82 0.58 -1.22
N LEU A 142 4.20 0.39 -2.39
CA LEU A 142 2.92 -0.26 -2.44
C LEU A 142 3.10 -1.71 -2.12
N ALA A 143 2.27 -2.23 -1.26
CA ALA A 143 2.35 -3.66 -0.86
C ALA A 143 1.13 -3.95 0.00
N ALA A 144 0.74 -5.22 0.16
CA ALA A 144 -0.48 -5.53 0.98
C ALA A 144 -0.32 -5.07 2.41
N ARG A 145 0.87 -5.06 2.92
CA ARG A 145 1.13 -4.63 4.30
C ARG A 145 0.75 -3.17 4.49
N ASN A 146 0.73 -2.36 3.43
N ASN A 146 0.52 -2.35 3.52
CA ASN A 146 0.40 -0.91 3.49
CA ASN A 146 0.05 -0.96 3.84
C ASN A 146 -1.13 -0.64 3.29
C ASN A 146 -1.03 -0.55 2.83
N CYS A 147 -1.87 -1.55 2.67
CA CYS A 147 -3.26 -1.28 2.38
C CYS A 147 -4.11 -1.66 3.63
N LEU A 148 -5.23 -0.96 3.74
CA LEU A 148 -6.15 -1.16 4.86
C LEU A 148 -7.48 -1.55 4.38
N VAL A 149 -8.33 -2.07 5.27
CA VAL A 149 -9.63 -2.60 4.95
C VAL A 149 -10.70 -2.00 5.96
N ASN A 150 -11.75 -1.43 5.38
CA ASN A 150 -12.73 -0.76 6.28
C ASN A 150 -13.76 -1.79 6.68
N ASP A 151 -14.75 -1.40 7.46
CA ASP A 151 -15.80 -2.26 8.01
C ASP A 151 -16.71 -2.82 6.94
N GLN A 152 -16.74 -2.24 5.73
CA GLN A 152 -17.51 -2.74 4.62
C GLN A 152 -16.66 -3.60 3.68
N GLY A 153 -15.46 -3.93 4.09
CA GLY A 153 -14.63 -4.80 3.23
C GLY A 153 -13.96 -4.08 2.07
N VAL A 154 -14.05 -2.76 2.01
CA VAL A 154 -13.38 -1.94 0.97
C VAL A 154 -11.93 -1.80 1.29
N VAL A 155 -11.05 -2.05 0.32
CA VAL A 155 -9.61 -1.92 0.49
C VAL A 155 -9.19 -0.52 0.05
N LYS A 156 -8.35 0.11 0.83
CA LYS A 156 -7.82 1.47 0.46
C LYS A 156 -6.32 1.46 0.64
N VAL A 157 -5.67 2.31 -0.18
CA VAL A 157 -4.24 2.52 -0.18
C VAL A 157 -3.87 3.51 0.93
N SER A 158 -2.82 3.15 1.65
CA SER A 158 -2.29 3.90 2.79
C SER A 158 -0.80 4.07 2.73
N ASP A 159 -0.30 4.93 3.61
CA ASP A 159 1.14 5.21 3.78
C ASP A 159 1.79 5.68 2.48
N PHE A 160 0.99 6.33 1.64
CA PHE A 160 1.44 6.71 0.32
C PHE A 160 2.52 7.79 0.46
N GLY A 161 3.67 7.55 -0.14
CA GLY A 161 4.84 8.45 -0.12
C GLY A 161 5.62 8.50 1.14
N LEU A 162 5.17 7.85 2.18
CA LEU A 162 5.78 8.04 3.49
C LEU A 162 7.19 7.54 3.66
N SER A 163 7.65 6.64 2.80
CA SER A 163 8.98 6.12 2.86
C SER A 163 10.03 7.18 2.64
N ARG A 164 9.67 8.29 2.01
CA ARG A 164 10.59 9.39 1.78
C ARG A 164 11.07 10.00 3.08
N TYR A 165 10.35 9.81 4.17
CA TYR A 165 10.67 10.57 5.40
C TYR A 165 11.18 9.64 6.47
N VAL A 166 11.45 8.40 6.17
CA VAL A 166 12.03 7.42 7.09
C VAL A 166 13.54 7.61 7.28
N LEU A 167 13.98 7.74 8.54
CA LEU A 167 15.39 8.03 8.80
C LEU A 167 16.20 6.79 9.04
N ASP A 168 15.56 5.69 9.43
CA ASP A 168 16.30 4.38 9.53
C ASP A 168 16.77 3.84 8.15
N ASP A 169 18.08 3.97 7.88
CA ASP A 169 18.67 3.62 6.55
C ASP A 169 18.53 2.12 6.12
N GLU A 170 18.37 1.20 7.08
CA GLU A 170 17.93 -0.22 6.78
C GLU A 170 16.66 -0.27 5.85
N TYR A 171 15.82 0.78 5.89
CA TYR A 171 14.62 0.87 5.05
C TYR A 171 14.79 1.59 3.68
N THR A 172 15.90 2.30 3.46
CA THR A 172 15.86 3.43 2.50
C THR A 172 16.65 3.24 1.20
N GLY A 176 19.67 -1.83 2.09
CA GLY A 176 18.95 -1.94 3.35
C GLY A 176 18.44 -3.35 3.68
N SER A 177 18.69 -3.79 4.93
CA SER A 177 18.11 -5.01 5.51
C SER A 177 16.56 -5.06 5.47
N LYS A 178 15.89 -3.88 5.45
CA LYS A 178 14.41 -3.73 5.55
C LYS A 178 13.75 -3.09 4.29
N PHE A 179 14.54 -2.95 3.23
CA PHE A 179 14.08 -2.46 1.97
C PHE A 179 13.10 -3.49 1.26
N PRO A 180 12.13 -2.95 0.48
CA PRO A 180 11.12 -3.83 -0.13
C PRO A 180 11.55 -4.47 -1.48
N VAL A 181 12.64 -5.23 -1.35
CA VAL A 181 13.16 -5.97 -2.45
C VAL A 181 12.13 -6.78 -3.26
N ARG A 182 11.20 -7.42 -2.54
CA ARG A 182 10.26 -8.36 -3.20
C ARG A 182 9.18 -7.64 -3.98
N TRP A 183 9.07 -6.29 -3.85
CA TRP A 183 8.12 -5.48 -4.57
C TRP A 183 8.80 -4.53 -5.50
N SER A 184 10.09 -4.78 -5.85
CA SER A 184 10.86 -3.79 -6.67
C SER A 184 11.23 -4.31 -8.04
N PRO A 185 11.10 -3.49 -9.07
CA PRO A 185 11.50 -3.90 -10.40
C PRO A 185 13.03 -3.99 -10.59
N PRO A 186 13.52 -4.59 -11.67
CA PRO A 186 14.97 -4.64 -11.92
C PRO A 186 15.68 -3.29 -11.85
N GLU A 187 15.06 -2.27 -12.44
CA GLU A 187 15.77 -0.99 -12.52
C GLU A 187 15.90 -0.38 -11.16
N VAL A 188 14.99 -0.64 -10.17
CA VAL A 188 15.14 -0.17 -8.84
C VAL A 188 16.24 -0.91 -8.14
N LEU A 189 16.22 -2.22 -8.24
CA LEU A 189 17.25 -3.01 -7.56
C LEU A 189 18.64 -2.73 -8.13
N MET A 190 18.77 -2.46 -9.40
CA MET A 190 20.10 -2.28 -10.07
C MET A 190 20.55 -0.85 -9.93
N TYR A 191 19.69 0.14 -10.12
CA TYR A 191 20.10 1.54 -10.36
C TYR A 191 19.34 2.51 -9.53
N SER A 192 18.39 2.14 -8.69
CA SER A 192 17.56 3.06 -7.89
C SER A 192 16.69 3.96 -8.76
N LYS A 193 16.19 3.43 -9.87
CA LYS A 193 15.40 4.13 -10.79
C LYS A 193 13.88 4.05 -10.41
N PHE A 194 13.38 4.94 -9.63
CA PHE A 194 11.95 4.98 -9.27
C PHE A 194 11.17 5.73 -10.31
N SER A 195 9.90 5.35 -10.57
CA SER A 195 9.05 6.00 -11.51
C SER A 195 7.61 5.52 -11.29
N SER A 196 6.70 6.01 -12.11
CA SER A 196 5.39 5.43 -12.17
C SER A 196 5.44 3.93 -12.38
N LYS A 197 6.41 3.51 -13.17
CA LYS A 197 6.50 2.07 -13.54
C LYS A 197 7.05 1.20 -12.46
N SER A 198 7.69 1.74 -11.40
CA SER A 198 8.00 0.99 -10.22
C SER A 198 6.82 0.77 -9.34
N ASP A 199 5.89 1.72 -9.33
CA ASP A 199 4.59 1.51 -8.68
C ASP A 199 3.81 0.45 -9.46
N ILE A 200 3.84 0.49 -10.78
CA ILE A 200 3.16 -0.57 -11.56
C ILE A 200 3.65 -1.94 -11.17
N TRP A 201 4.96 -2.13 -11.13
CA TRP A 201 5.54 -3.44 -10.79
C TRP A 201 5.00 -3.87 -9.41
N ALA A 202 5.12 -2.97 -8.46
CA ALA A 202 4.63 -3.29 -7.08
C ALA A 202 3.16 -3.67 -7.05
N PHE A 203 2.37 -3.01 -7.86
CA PHE A 203 0.93 -3.33 -7.95
C PHE A 203 0.76 -4.74 -8.45
N GLY A 204 1.55 -5.20 -9.45
CA GLY A 204 1.44 -6.59 -9.87
C GLY A 204 1.78 -7.54 -8.78
N VAL A 205 2.80 -7.25 -7.97
CA VAL A 205 3.13 -8.09 -6.82
C VAL A 205 2.00 -8.10 -5.80
N LEU A 206 1.33 -6.93 -5.60
CA LEU A 206 0.21 -6.86 -4.68
C LEU A 206 -0.90 -7.71 -5.22
N MET A 207 -1.22 -7.66 -6.50
CA MET A 207 -2.26 -8.60 -7.02
C MET A 207 -1.90 -10.03 -6.77
N TRP A 208 -0.64 -10.37 -6.90
CA TRP A 208 -0.16 -11.71 -6.56
C TRP A 208 -0.41 -12.04 -5.11
N GLU A 209 -0.11 -11.10 -4.23
CA GLU A 209 -0.34 -11.31 -2.78
C GLU A 209 -1.83 -11.55 -2.49
N ILE A 210 -2.68 -10.79 -3.14
CA ILE A 210 -4.16 -10.96 -2.94
C ILE A 210 -4.58 -12.31 -3.39
N TYR A 211 -4.19 -12.72 -4.63
CA TYR A 211 -4.64 -14.04 -5.12
C TYR A 211 -3.95 -15.14 -4.42
N SER A 212 -2.83 -14.95 -3.76
CA SER A 212 -2.18 -15.93 -2.96
C SER A 212 -2.59 -15.94 -1.51
N LEU A 213 -3.61 -15.16 -1.14
CA LEU A 213 -4.12 -15.07 0.25
C LEU A 213 -3.01 -14.70 1.20
N GLY A 214 -2.15 -13.81 0.78
CA GLY A 214 -1.21 -13.21 1.64
C GLY A 214 0.08 -13.98 1.85
N LYS A 215 0.39 -14.92 0.98
CA LYS A 215 1.72 -15.50 0.94
C LYS A 215 2.83 -14.45 0.72
N MET A 216 3.97 -14.64 1.34
N MET A 216 3.99 -14.72 1.28
CA MET A 216 5.10 -13.73 1.06
CA MET A 216 5.16 -13.86 1.06
C MET A 216 5.61 -14.05 -0.40
C MET A 216 5.60 -14.09 -0.46
N PRO A 217 5.78 -13.01 -1.23
CA PRO A 217 6.31 -13.20 -2.57
C PRO A 217 7.74 -13.82 -2.51
N TYR A 218 7.98 -14.80 -3.38
CA TYR A 218 9.27 -15.50 -3.43
C TYR A 218 9.58 -16.16 -2.13
N GLU A 219 8.60 -16.87 -1.60
CA GLU A 219 8.60 -17.33 -0.23
C GLU A 219 9.73 -18.23 0.18
N ARG A 220 10.29 -18.94 -0.80
CA ARG A 220 11.42 -19.81 -0.58
C ARG A 220 12.76 -19.11 -0.59
N PHE A 221 12.80 -17.82 -0.95
CA PHE A 221 14.07 -17.11 -1.23
C PHE A 221 14.27 -16.03 -0.19
N THR A 222 15.55 -15.73 0.05
CA THR A 222 15.91 -14.54 0.77
C THR A 222 15.71 -13.33 -0.15
N ASN A 223 15.82 -12.16 0.44
CA ASN A 223 15.82 -10.92 -0.39
C ASN A 223 16.99 -10.93 -1.39
N SER A 224 18.18 -11.35 -0.95
N SER A 224 18.17 -11.34 -0.97
N SER A 224 18.17 -11.35 -0.96
CA SER A 224 19.36 -11.37 -1.84
CA SER A 224 19.31 -11.29 -1.89
CA SER A 224 19.32 -11.33 -1.85
C SER A 224 19.11 -12.29 -3.02
C SER A 224 19.13 -12.30 -3.03
C SER A 224 19.13 -12.30 -3.02
N GLU A 225 18.58 -13.49 -2.70
CA GLU A 225 18.23 -14.46 -3.70
C GLU A 225 17.14 -13.96 -4.69
N THR A 226 16.16 -13.27 -4.16
CA THR A 226 15.13 -12.65 -4.95
C THR A 226 15.72 -11.66 -5.96
N ALA A 227 16.60 -10.81 -5.47
CA ALA A 227 17.19 -9.83 -6.37
C ALA A 227 17.99 -10.50 -7.50
N GLU A 228 18.61 -11.60 -7.21
CA GLU A 228 19.35 -12.42 -8.25
C GLU A 228 18.38 -13.03 -9.24
N HIS A 229 17.31 -13.59 -8.73
CA HIS A 229 16.23 -14.21 -9.54
C HIS A 229 15.72 -13.19 -10.53
N ILE A 230 15.39 -11.98 -10.05
CA ILE A 230 14.86 -10.95 -10.89
C ILE A 230 15.87 -10.49 -11.94
N ALA A 231 17.12 -10.37 -11.51
CA ALA A 231 18.25 -10.06 -12.44
C ALA A 231 18.38 -11.06 -13.55
N GLN A 232 18.07 -12.30 -13.31
CA GLN A 232 18.13 -13.32 -14.31
C GLN A 232 16.85 -13.39 -15.09
N GLY A 233 15.88 -12.52 -14.83
CA GLY A 233 14.66 -12.44 -15.66
C GLY A 233 13.53 -13.39 -15.26
N LEU A 234 13.67 -13.96 -14.06
CA LEU A 234 12.64 -14.86 -13.54
C LEU A 234 11.59 -14.06 -12.75
N ARG A 235 10.45 -14.71 -12.56
CA ARG A 235 9.20 -14.07 -12.11
C ARG A 235 8.47 -14.92 -11.14
N LEU A 236 7.54 -14.30 -10.39
CA LEU A 236 6.48 -15.00 -9.72
C LEU A 236 5.67 -15.76 -10.76
N TYR A 237 4.96 -16.75 -10.30
CA TYR A 237 4.11 -17.52 -11.20
C TYR A 237 2.69 -17.57 -10.69
N ARG A 238 1.79 -18.16 -11.41
CA ARG A 238 0.37 -18.02 -11.25
C ARG A 238 -0.15 -18.55 -9.94
N PRO A 239 -0.84 -17.69 -9.10
CA PRO A 239 -1.50 -18.25 -7.91
C PRO A 239 -2.60 -19.16 -8.32
N HIS A 240 -2.84 -20.15 -7.50
CA HIS A 240 -3.89 -21.10 -7.75
C HIS A 240 -5.27 -20.51 -7.94
N LEU A 241 -5.57 -19.42 -7.27
CA LEU A 241 -6.85 -18.75 -7.37
C LEU A 241 -6.98 -17.81 -8.53
N ALA A 242 -5.90 -17.50 -9.26
CA ALA A 242 -5.97 -16.56 -10.39
C ALA A 242 -6.32 -17.29 -11.67
N SER A 243 -7.30 -16.81 -12.41
CA SER A 243 -7.61 -17.30 -13.74
C SER A 243 -6.48 -16.90 -14.66
N GLU A 244 -6.41 -17.47 -15.87
CA GLU A 244 -5.43 -17.08 -16.80
C GLU A 244 -5.56 -15.57 -17.11
N LYS A 245 -6.77 -15.06 -17.25
CA LYS A 245 -6.96 -13.62 -17.61
C LYS A 245 -6.45 -12.72 -16.46
N VAL A 246 -6.65 -13.15 -15.21
CA VAL A 246 -6.11 -12.34 -14.09
C VAL A 246 -4.60 -12.44 -14.06
N TYR A 247 -4.04 -13.64 -14.27
CA TYR A 247 -2.59 -13.81 -14.31
C TYR A 247 -1.95 -12.95 -15.39
N THR A 248 -2.62 -12.85 -16.54
CA THR A 248 -2.08 -11.98 -17.64
C THR A 248 -1.95 -10.52 -17.17
N ILE A 249 -2.93 -10.07 -16.38
CA ILE A 249 -2.87 -8.67 -15.92
C ILE A 249 -1.71 -8.49 -14.94
N MET A 250 -1.58 -9.38 -13.93
CA MET A 250 -0.50 -9.19 -12.99
C MET A 250 0.87 -9.31 -13.68
N TYR A 251 0.99 -10.26 -14.59
CA TYR A 251 2.27 -10.55 -15.27
C TYR A 251 2.64 -9.37 -16.13
N SER A 252 1.69 -8.67 -16.73
CA SER A 252 2.00 -7.44 -17.52
C SER A 252 2.69 -6.37 -16.74
N CYS A 253 2.56 -6.37 -15.41
CA CYS A 253 3.26 -5.40 -14.56
C CYS A 253 4.74 -5.63 -14.40
N TRP A 254 5.18 -6.80 -14.86
CA TRP A 254 6.54 -7.26 -14.60
C TRP A 254 7.42 -7.25 -15.90
N HIS A 255 6.99 -6.52 -16.91
CA HIS A 255 7.84 -6.48 -18.12
C HIS A 255 9.22 -6.00 -17.70
N GLU A 256 10.25 -6.63 -18.25
CA GLU A 256 11.61 -6.18 -17.97
C GLU A 256 11.83 -4.72 -18.35
N LYS A 257 11.26 -4.26 -19.45
CA LYS A 257 11.34 -2.87 -19.82
C LYS A 257 10.24 -2.06 -19.16
N ALA A 258 10.62 -1.07 -18.40
CA ALA A 258 9.64 -0.27 -17.69
C ALA A 258 8.61 0.33 -18.61
N ASP A 259 9.06 0.82 -19.77
CA ASP A 259 8.15 1.53 -20.67
C ASP A 259 7.11 0.64 -21.35
N GLU A 260 7.32 -0.67 -21.26
CA GLU A 260 6.36 -1.65 -21.84
C GLU A 260 5.27 -2.08 -20.79
N ARG A 261 5.42 -1.64 -19.55
CA ARG A 261 4.42 -1.91 -18.51
C ARG A 261 3.25 -1.01 -18.71
N PRO A 262 2.05 -1.48 -18.35
CA PRO A 262 0.86 -0.64 -18.53
C PRO A 262 0.82 0.57 -17.53
N THR A 263 -0.10 1.49 -17.75
CA THR A 263 -0.47 2.51 -16.77
C THR A 263 -1.59 2.00 -15.88
N PHE A 264 -1.90 2.73 -14.81
CA PHE A 264 -2.97 2.29 -13.91
C PHE A 264 -4.31 2.43 -14.59
N LYS A 265 -4.46 3.40 -15.51
CA LYS A 265 -5.67 3.53 -16.30
C LYS A 265 -5.93 2.29 -17.14
N ILE A 266 -4.89 1.78 -17.79
CA ILE A 266 -5.02 0.58 -18.62
C ILE A 266 -5.31 -0.62 -17.74
N LEU A 267 -4.57 -0.76 -16.64
CA LEU A 267 -4.83 -1.85 -15.71
C LEU A 267 -6.28 -1.83 -15.22
N LEU A 268 -6.84 -0.65 -14.92
CA LEU A 268 -8.19 -0.60 -14.43
C LEU A 268 -9.15 -1.14 -15.53
N SER A 269 -8.93 -0.72 -16.77
N SER A 269 -8.91 -0.71 -16.76
CA SER A 269 -9.74 -1.22 -17.87
CA SER A 269 -9.69 -1.17 -17.90
C SER A 269 -9.64 -2.74 -18.01
C SER A 269 -9.62 -2.69 -18.04
N ASN A 270 -8.44 -3.27 -17.86
CA ASN A 270 -8.22 -4.69 -17.91
C ASN A 270 -8.99 -5.43 -16.80
N ILE A 271 -8.94 -4.89 -15.57
CA ILE A 271 -9.63 -5.45 -14.43
C ILE A 271 -11.16 -5.40 -14.64
N LEU A 272 -11.69 -4.28 -15.12
CA LEU A 272 -13.14 -4.19 -15.32
C LEU A 272 -13.61 -5.16 -16.40
N ASP A 273 -12.79 -5.36 -17.43
CA ASP A 273 -13.10 -6.28 -18.48
C ASP A 273 -13.17 -7.70 -17.93
N VAL A 274 -12.23 -8.11 -17.12
CA VAL A 274 -12.27 -9.44 -16.53
C VAL A 274 -13.44 -9.61 -15.59
N MET A 275 -13.71 -8.58 -14.78
N MET A 275 -13.72 -8.58 -14.80
CA MET A 275 -14.90 -8.65 -13.96
CA MET A 275 -14.89 -8.60 -13.95
C MET A 275 -16.12 -8.94 -14.81
C MET A 275 -16.21 -8.78 -14.72
N ASP A 276 -16.28 -8.22 -15.91
CA ASP A 276 -17.41 -8.39 -16.78
C ASP A 276 -17.43 -9.79 -17.41
N GLU A 277 -16.30 -10.36 -17.75
CA GLU A 277 -16.22 -11.70 -18.40
C GLU A 277 -16.39 -12.75 -17.34
N GLU A 278 -15.87 -12.52 -16.14
CA GLU A 278 -15.99 -13.47 -15.03
C GLU A 278 -17.25 -13.30 -14.18
N SER A 279 -18.20 -12.46 -14.64
CA SER A 279 -19.56 -12.31 -14.09
C SER A 279 -20.43 -13.47 -14.57
N1 8E8 B . -7.09 2.16 10.81
C2 8E8 B . -6.90 1.00 11.38
N3 8E8 B . -5.82 0.34 11.65
C4 8E8 B . -4.68 0.99 11.27
C5 8E8 B . -4.76 2.30 10.67
C6 8E8 B . -6.01 2.87 10.39
CAA 8E8 B . -1.36 -5.64 10.10
NAB 8E8 B . -6.18 4.02 9.76
OAC 8E8 B . -4.00 -3.95 11.08
CAD 8E8 B . -2.03 -5.21 11.48
CAE 8E8 B . -0.80 8.34 4.38
CAF 8E8 B . -1.99 7.76 4.83
CAG 8E8 B . 0.21 8.62 5.26
CAI 8E8 B . -2.14 7.40 6.12
CAJ 8E8 B . 0.02 8.33 6.61
CAK 8E8 B . -2.53 6.27 9.94
CAL 8E8 B . -1.40 4.95 8.21
CAM 8E8 B . -3.06 5.12 10.43
CAN 8E8 B . -1.89 3.79 8.74
CAO 8E8 B . -0.76 -1.79 12.81
CAP 8E8 B . -1.51 -0.45 12.69
CAQ 8E8 B . -0.70 -2.47 11.39
CAR 8E8 B . -2.84 -1.50 10.76
NAU 8E8 B . -2.56 1.66 10.84
OAV 8E8 B . -1.18 7.40 8.34
CAW 8E8 B . -2.77 -3.88 11.23
CAY 8E8 B . -1.08 7.65 7.00
CAZ 8E8 B . -1.72 6.22 8.80
CBA 8E8 B . -2.79 3.88 9.81
CBB 8E8 B . -3.32 2.66 10.41
CBE 8E8 B . -2.86 -0.55 11.93
NBF 8E8 B . -3.41 0.69 11.35
NBG 8E8 B . -2.08 -2.70 11.11
#